data_3HD2
#
_entry.id   3HD2
#
_cell.length_a   80.48
_cell.length_b   52.87
_cell.length_c   36.70
_cell.angle_alpha   90.00
_cell.angle_beta   102.71
_cell.angle_gamma   90.00
#
_symmetry.space_group_name_H-M   'C 1 2 1'
#
loop_
_entity.id
_entity.type
_entity.pdbx_description
1 polymer '2-amino-4-hydroxy-6-hydroxymethyldihydropteridine pyrophosphokinase'
2 non-polymer 'MAGNESIUM ION'
3 non-polymer 'DIPHOSPHOMETHYLPHOSPHONIC ACID ADENOSYL ESTER'
4 non-polymer PTERINE
5 non-polymer 'ACETATE ION'
6 non-polymer 'CHLORIDE ION'
7 water water
#
_entity_poly.entity_id   1
_entity_poly.type   'polypeptide(L)'
_entity_poly.pdbx_seq_one_letter_code
;TVAYIAIGSNLASPLEQVNAALKALGDIPESHILTVSSFYRTPPLGPQDAPDYLNAAVALETSLAPEELLNHTQRIELQQ
GRVRKAERWGPRTLDLDIMLFGNEVINTERLTVPHYDMKNRGFMLWPLFEIAPELVFPDGEMLRQILHTRAFDKLNKW
;
_entity_poly.pdbx_strand_id   A
#
loop_
_chem_comp.id
_chem_comp.type
_chem_comp.name
_chem_comp.formula
ACT non-polymer 'ACETATE ION' 'C2 H3 O2 -1'
APC non-polymer 'DIPHOSPHOMETHYLPHOSPHONIC ACID ADENOSYL ESTER' 'C11 H18 N5 O12 P3'
CL non-polymer 'CHLORIDE ION' 'Cl -1'
MG non-polymer 'MAGNESIUM ION' 'Mg 2'
PE0 non-polymer PTERINE 'C6 H5 N5 O'
#
# COMPACT_ATOMS: atom_id res chain seq x y z
N THR A 1 9.78 -13.13 6.28
CA THR A 1 8.48 -13.02 5.65
C THR A 1 8.47 -11.90 4.62
N VAL A 2 7.91 -12.16 3.45
CA VAL A 2 7.65 -11.10 2.49
C VAL A 2 6.26 -10.52 2.74
N ALA A 3 6.23 -9.27 3.19
CA ALA A 3 4.99 -8.53 3.33
C ALA A 3 4.82 -7.63 2.11
N TYR A 4 3.59 -7.55 1.62
CA TYR A 4 3.28 -6.66 0.51
C TYR A 4 2.40 -5.55 1.03
N ILE A 5 2.90 -4.32 0.90
CA ILE A 5 2.25 -3.13 1.42
C ILE A 5 1.76 -2.25 0.27
N ALA A 6 0.49 -1.85 0.34
CA ALA A 6 -0.06 -0.89 -0.60
C ALA A 6 0.15 0.52 -0.06
N ILE A 7 0.64 1.40 -0.92
CA ILE A 7 0.74 2.81 -0.60
C ILE A 7 -0.28 3.56 -1.43
N GLY A 8 -1.05 4.43 -0.78
CA GLY A 8 -1.90 5.37 -1.47
C GLY A 8 -1.73 6.77 -0.91
N SER A 9 -1.69 7.76 -1.80
CA SER A 9 -1.75 9.15 -1.38
C SER A 9 -2.63 9.94 -2.34
N ASN A 10 -3.56 10.71 -1.78
CA ASN A 10 -4.39 11.59 -2.60
C ASN A 10 -4.14 13.07 -2.37
N LEU A 11 -2.91 13.41 -2.01
N LEU A 11 -2.89 13.41 -2.06
CA LEU A 11 -2.46 14.79 -2.08
CA LEU A 11 -2.48 14.79 -2.05
C LEU A 11 -2.52 15.25 -3.52
C LEU A 11 -2.40 15.28 -3.50
N ALA A 12 -2.71 16.55 -3.73
CA ALA A 12 -2.68 17.14 -5.08
C ALA A 12 -1.34 16.86 -5.78
N SER A 13 -0.25 17.02 -5.03
N SER A 13 -0.25 16.97 -5.02
CA SER A 13 1.08 16.70 -5.50
CA SER A 13 1.10 16.71 -5.52
C SER A 13 1.66 15.71 -4.51
C SER A 13 1.80 15.71 -4.61
N PRO A 14 1.46 14.41 -4.75
CA PRO A 14 1.84 13.39 -3.76
C PRO A 14 3.25 12.81 -3.82
N LEU A 15 4.07 13.17 -4.81
CA LEU A 15 5.34 12.46 -4.95
C LEU A 15 6.23 12.57 -3.72
N GLU A 16 6.30 13.74 -3.10
N GLU A 16 6.31 13.76 -3.14
CA GLU A 16 7.20 13.92 -1.96
CA GLU A 16 7.16 13.97 -1.99
C GLU A 16 6.71 13.22 -0.69
C GLU A 16 6.70 13.12 -0.81
N GLN A 17 5.40 13.13 -0.52
CA GLN A 17 4.87 12.34 0.58
C GLN A 17 5.14 10.85 0.35
N VAL A 18 4.91 10.38 -0.86
CA VAL A 18 5.14 8.99 -1.18
C VAL A 18 6.61 8.61 -0.99
N ASN A 19 7.52 9.47 -1.45
N ASN A 19 7.51 9.49 -1.44
CA ASN A 19 8.94 9.21 -1.24
CA ASN A 19 8.93 9.23 -1.27
C ASN A 19 9.34 9.21 0.22
C ASN A 19 9.38 9.26 0.20
N ALA A 20 8.76 10.14 0.99
CA ALA A 20 9.04 10.19 2.42
C ALA A 20 8.54 8.89 3.08
N ALA A 21 7.38 8.41 2.66
CA ALA A 21 6.85 7.15 3.17
C ALA A 21 7.73 5.96 2.79
N LEU A 22 8.19 5.92 1.55
CA LEU A 22 9.07 4.84 1.11
C LEU A 22 10.37 4.81 1.90
N LYS A 23 10.96 5.98 2.13
N LYS A 23 10.92 6.00 2.17
CA LYS A 23 12.17 6.01 2.94
CA LYS A 23 12.15 6.14 2.96
C LYS A 23 11.87 5.49 4.34
C LYS A 23 11.97 5.72 4.41
N ALA A 24 10.76 5.91 4.93
CA ALA A 24 10.42 5.48 6.28
C ALA A 24 10.19 3.96 6.32
N LEU A 25 9.54 3.40 5.29
CA LEU A 25 9.37 1.96 5.24
C LEU A 25 10.72 1.24 5.26
N GLY A 26 11.70 1.81 4.57
CA GLY A 26 13.04 1.24 4.53
C GLY A 26 13.81 1.36 5.84
N ASP A 27 13.28 2.15 6.77
CA ASP A 27 13.90 2.34 8.07
C ASP A 27 13.24 1.48 9.15
N ILE A 28 12.19 0.74 8.80
CA ILE A 28 11.54 -0.12 9.78
C ILE A 28 12.53 -1.19 10.27
N PRO A 29 12.62 -1.37 11.60
N PRO A 29 12.57 -1.44 11.59
CA PRO A 29 13.54 -2.35 12.18
CA PRO A 29 13.56 -2.40 12.13
C PRO A 29 13.25 -3.78 11.70
C PRO A 29 13.35 -3.82 11.60
N GLU A 30 14.30 -4.59 11.62
N GLU A 30 14.43 -4.60 11.59
CA GLU A 30 14.19 -6.01 11.29
CA GLU A 30 14.37 -6.01 11.22
C GLU A 30 13.60 -6.24 9.91
C GLU A 30 13.63 -6.23 9.91
N SER A 31 13.74 -5.25 9.02
CA SER A 31 13.07 -5.30 7.72
C SER A 31 13.92 -4.61 6.67
N HIS A 32 13.66 -4.92 5.41
CA HIS A 32 14.21 -4.15 4.31
C HIS A 32 13.35 -4.28 3.07
N ILE A 33 13.37 -3.24 2.25
CA ILE A 33 12.61 -3.24 1.00
C ILE A 33 13.27 -4.15 -0.02
N LEU A 34 12.47 -5.01 -0.65
CA LEU A 34 12.94 -5.88 -1.74
C LEU A 34 12.73 -5.23 -3.09
N THR A 35 11.55 -4.66 -3.30
N THR A 35 11.54 -4.66 -3.26
CA THR A 35 11.22 -4.05 -4.58
CA THR A 35 11.16 -4.03 -4.51
C THR A 35 10.02 -3.11 -4.42
C THR A 35 10.07 -2.97 -4.29
N VAL A 36 9.95 -2.09 -5.28
CA VAL A 36 8.88 -1.11 -5.28
C VAL A 36 8.28 -1.04 -6.68
N SER A 37 6.95 -1.08 -6.78
CA SER A 37 6.31 -0.98 -8.08
C SER A 37 6.43 0.42 -8.65
N SER A 38 6.06 0.57 -9.91
CA SER A 38 5.85 1.88 -10.47
C SER A 38 4.78 2.64 -9.68
N PHE A 39 4.74 3.94 -9.88
CA PHE A 39 3.70 4.78 -9.31
C PHE A 39 2.58 4.89 -10.33
N TYR A 40 1.35 4.66 -9.89
CA TYR A 40 0.21 4.67 -10.76
C TYR A 40 -0.78 5.73 -10.35
N ARG A 41 -1.49 6.26 -11.33
CA ARG A 41 -2.46 7.32 -11.13
C ARG A 41 -3.85 6.76 -11.26
N THR A 42 -4.64 6.84 -10.19
N THR A 42 -4.66 6.91 -10.22
CA THR A 42 -5.94 6.20 -10.20
CA THR A 42 -6.07 6.52 -10.28
C THR A 42 -7.02 7.13 -9.70
C THR A 42 -6.99 7.71 -10.05
N PRO A 43 -8.11 7.25 -10.46
N PRO A 43 -7.71 8.13 -11.09
CA PRO A 43 -9.24 8.10 -10.05
CA PRO A 43 -8.64 9.26 -10.99
C PRO A 43 -9.82 7.65 -8.72
C PRO A 43 -9.85 8.90 -10.13
N PRO A 44 -10.38 8.60 -7.96
N PRO A 44 -10.49 9.90 -9.52
CA PRO A 44 -11.10 8.28 -6.73
CA PRO A 44 -11.69 9.65 -8.71
C PRO A 44 -12.42 7.63 -7.08
C PRO A 44 -12.89 9.28 -9.59
N LEU A 45 -12.92 6.76 -6.20
CA LEU A 45 -14.19 6.09 -6.46
C LEU A 45 -15.38 6.94 -6.01
N GLY A 46 -15.54 8.10 -6.65
CA GLY A 46 -16.62 9.01 -6.34
C GLY A 46 -16.60 10.24 -7.22
N PRO A 47 -17.02 11.39 -6.67
CA PRO A 47 -17.03 12.67 -7.40
C PRO A 47 -15.66 13.00 -7.96
N GLN A 48 -15.61 13.68 -9.10
CA GLN A 48 -14.36 14.03 -9.77
C GLN A 48 -13.77 15.33 -9.22
N ASP A 49 -14.27 15.77 -8.08
CA ASP A 49 -13.81 17.01 -7.47
C ASP A 49 -12.67 16.76 -6.51
N ALA A 50 -12.18 15.52 -6.48
CA ALA A 50 -11.09 15.14 -5.59
C ALA A 50 -9.82 14.84 -6.38
N PRO A 51 -8.66 14.91 -5.71
CA PRO A 51 -7.38 14.62 -6.37
C PRO A 51 -7.29 13.16 -6.79
N ASP A 52 -6.53 12.87 -7.85
CA ASP A 52 -6.19 11.51 -8.19
C ASP A 52 -5.45 10.87 -7.00
N TYR A 53 -5.51 9.55 -6.88
CA TYR A 53 -4.60 8.86 -5.96
C TYR A 53 -3.35 8.41 -6.71
N LEU A 54 -2.21 8.47 -6.01
CA LEU A 54 -1.02 7.75 -6.42
C LEU A 54 -1.01 6.44 -5.66
N ASN A 55 -0.96 5.33 -6.38
N ASN A 55 -0.92 5.35 -6.41
CA ASN A 55 -0.91 4.00 -5.75
CA ASN A 55 -0.87 4.01 -5.85
C ASN A 55 0.31 3.20 -6.18
C ASN A 55 0.45 3.32 -6.15
N ALA A 56 0.91 2.50 -5.21
CA ALA A 56 2.08 1.68 -5.46
C ALA A 56 2.06 0.49 -4.51
N ALA A 57 2.88 -0.51 -4.82
CA ALA A 57 3.05 -1.67 -3.99
C ALA A 57 4.52 -1.83 -3.62
N VAL A 58 4.77 -2.26 -2.39
CA VAL A 58 6.11 -2.49 -1.89
C VAL A 58 6.22 -3.91 -1.34
N ALA A 59 7.28 -4.62 -1.72
CA ALA A 59 7.62 -5.88 -1.11
C ALA A 59 8.65 -5.61 -0.01
N LEU A 60 8.31 -5.97 1.22
CA LEU A 60 9.16 -5.71 2.37
C LEU A 60 9.50 -7.03 3.02
N GLU A 61 10.77 -7.38 3.06
CA GLU A 61 11.22 -8.53 3.81
C GLU A 61 11.27 -8.14 5.28
N THR A 62 10.66 -8.93 6.15
CA THR A 62 10.60 -8.58 7.56
C THR A 62 10.60 -9.80 8.48
N SER A 63 11.21 -9.65 9.65
CA SER A 63 11.14 -10.67 10.67
C SER A 63 10.17 -10.27 11.78
N LEU A 64 9.54 -9.10 11.62
CA LEU A 64 8.55 -8.64 12.59
C LEU A 64 7.28 -9.48 12.54
N ALA A 65 6.56 -9.54 13.65
CA ALA A 65 5.23 -10.11 13.65
C ALA A 65 4.30 -9.17 12.90
N PRO A 66 3.19 -9.70 12.36
CA PRO A 66 2.29 -8.85 11.57
C PRO A 66 1.80 -7.61 12.31
N GLU A 67 1.45 -7.76 13.59
N GLU A 67 1.34 -7.76 13.55
CA GLU A 67 0.97 -6.63 14.39
CA GLU A 67 0.76 -6.61 14.23
C GLU A 67 2.06 -5.60 14.67
C GLU A 67 1.86 -5.66 14.68
N GLU A 68 3.29 -6.07 14.80
N GLU A 68 3.08 -6.15 14.69
CA GLU A 68 4.44 -5.19 14.94
CA GLU A 68 4.25 -5.30 14.92
C GLU A 68 4.69 -4.39 13.66
C GLU A 68 4.49 -4.41 13.70
N LEU A 69 4.53 -5.02 12.52
CA LEU A 69 4.62 -4.28 11.28
C LEU A 69 3.52 -3.21 11.20
N LEU A 70 2.29 -3.59 11.59
CA LEU A 70 1.18 -2.65 11.59
C LEU A 70 1.47 -1.46 12.51
N ASN A 71 2.08 -1.72 13.67
CA ASN A 71 2.47 -0.61 14.54
C ASN A 71 3.34 0.39 13.78
N HIS A 72 4.31 -0.14 13.03
CA HIS A 72 5.22 0.72 12.28
C HIS A 72 4.53 1.46 11.14
N THR A 73 3.71 0.78 10.36
CA THR A 73 3.02 1.47 9.28
C THR A 73 2.08 2.55 9.82
N GLN A 74 1.42 2.27 10.95
CA GLN A 74 0.54 3.26 11.56
C GLN A 74 1.32 4.45 12.12
N ARG A 75 2.49 4.17 12.69
CA ARG A 75 3.38 5.24 13.13
C ARG A 75 3.79 6.13 11.95
N ILE A 76 4.15 5.51 10.83
CA ILE A 76 4.54 6.28 9.65
C ILE A 76 3.38 7.15 9.16
N GLU A 77 2.17 6.62 9.17
CA GLU A 77 1.01 7.42 8.83
C GLU A 77 0.88 8.63 9.76
N LEU A 78 1.10 8.44 11.07
CA LEU A 78 0.99 9.55 12.01
C LEU A 78 2.11 10.57 11.83
N GLN A 79 3.31 10.08 11.52
CA GLN A 79 4.48 10.95 11.43
C GLN A 79 4.65 11.67 10.10
N GLN A 80 4.23 11.06 9.01
N GLN A 80 4.25 11.02 9.02
CA GLN A 80 4.45 11.69 7.72
CA GLN A 80 4.49 11.51 7.65
C GLN A 80 3.25 11.55 6.80
C GLN A 80 3.19 11.70 6.85
N GLY A 81 2.10 11.18 7.38
CA GLY A 81 0.86 11.07 6.63
C GLY A 81 0.06 12.34 6.47
N ARG A 82 0.44 13.40 7.18
CA ARG A 82 -0.22 14.69 7.03
C ARG A 82 0.75 15.74 6.57
N VAL A 83 0.26 16.64 5.72
CA VAL A 83 1.09 17.69 5.18
C VAL A 83 0.63 19.01 5.74
N ARG A 84 1.61 19.84 6.10
CA ARG A 84 1.35 21.15 6.66
C ARG A 84 0.75 22.04 5.60
N LYS A 85 -0.40 22.61 5.92
CA LYS A 85 -1.01 23.61 5.06
C LYS A 85 -0.60 24.98 5.57
N ALA A 86 -1.16 26.02 4.98
CA ALA A 86 -0.77 27.39 5.31
C ALA A 86 -0.96 27.71 6.79
N GLU A 87 -2.15 27.41 7.31
N GLU A 87 -2.14 27.41 7.32
CA GLU A 87 -2.51 27.80 8.67
CA GLU A 87 -2.47 27.80 8.69
C GLU A 87 -2.43 26.62 9.63
C GLU A 87 -2.49 26.63 9.65
N ARG A 88 -2.65 25.42 9.12
CA ARG A 88 -2.81 24.25 9.97
C ARG A 88 -2.25 23.01 9.30
N TRP A 89 -2.12 21.94 10.06
CA TRP A 89 -1.81 20.64 9.48
C TRP A 89 -3.03 20.06 8.80
N GLY A 90 -2.83 19.48 7.62
CA GLY A 90 -3.90 18.84 6.88
C GLY A 90 -4.25 17.49 7.47
N PRO A 91 -5.29 16.85 6.94
CA PRO A 91 -5.71 15.53 7.42
C PRO A 91 -4.82 14.45 6.84
N ARG A 92 -5.01 13.21 7.28
CA ARG A 92 -4.23 12.11 6.73
C ARG A 92 -4.52 11.93 5.24
N THR A 93 -3.46 11.92 4.44
CA THR A 93 -3.55 11.67 3.00
C THR A 93 -2.77 10.43 2.57
N LEU A 94 -1.99 9.87 3.49
CA LEU A 94 -1.19 8.67 3.24
C LEU A 94 -1.86 7.45 3.87
N ASP A 95 -2.02 6.40 3.07
CA ASP A 95 -2.58 5.15 3.52
C ASP A 95 -1.58 4.01 3.24
N LEU A 96 -1.20 3.30 4.29
CA LEU A 96 -0.31 2.14 4.21
C LEU A 96 -1.10 0.92 4.67
N ASP A 97 -1.48 0.08 3.72
CA ASP A 97 -2.28 -1.11 4.01
C ASP A 97 -1.46 -2.36 3.76
N ILE A 98 -1.55 -3.32 4.68
CA ILE A 98 -0.87 -4.59 4.50
C ILE A 98 -1.76 -5.48 3.63
N MET A 99 -1.33 -5.75 2.41
CA MET A 99 -2.12 -6.59 1.51
C MET A 99 -1.96 -8.07 1.82
N LEU A 100 -0.70 -8.50 1.95
N LEU A 100 -0.70 -8.50 1.91
CA LEU A 100 -0.38 -9.88 2.25
CA LEU A 100 -0.36 -9.87 2.25
C LEU A 100 0.81 -9.93 3.19
C LEU A 100 0.76 -9.87 3.26
N PHE A 101 0.85 -10.96 4.03
CA PHE A 101 1.93 -11.14 4.98
C PHE A 101 2.39 -12.58 4.84
N GLY A 102 3.38 -12.78 3.98
CA GLY A 102 3.77 -14.11 3.59
C GLY A 102 2.55 -14.87 3.10
N ASN A 103 2.39 -16.11 3.54
N ASN A 103 2.43 -16.10 3.56
CA ASN A 103 1.20 -16.87 3.19
CA ASN A 103 1.29 -16.96 3.25
C ASN A 103 0.21 -16.94 4.36
C ASN A 103 0.37 -17.06 4.46
N GLU A 104 0.39 -16.06 5.33
CA GLU A 104 -0.43 -16.07 6.53
C GLU A 104 -1.84 -15.54 6.33
N VAL A 105 -2.78 -16.14 7.06
CA VAL A 105 -4.15 -15.67 7.16
C VAL A 105 -4.28 -15.05 8.55
N ILE A 106 -4.66 -13.78 8.62
N ILE A 106 -4.64 -13.77 8.60
CA ILE A 106 -4.80 -13.08 9.89
CA ILE A 106 -4.82 -13.08 9.86
C ILE A 106 -6.18 -12.45 10.00
C ILE A 106 -6.25 -12.56 9.95
N ASN A 107 -6.87 -12.75 11.11
CA ASN A 107 -8.19 -12.23 11.38
C ASN A 107 -8.29 -11.83 12.83
N THR A 108 -7.80 -10.63 13.14
CA THR A 108 -7.87 -10.12 14.51
C THR A 108 -8.62 -8.80 14.51
N GLU A 109 -8.79 -8.23 15.71
CA GLU A 109 -9.47 -6.96 15.82
C GLU A 109 -8.73 -5.89 15.01
N ARG A 110 -7.40 -5.99 14.96
CA ARG A 110 -6.60 -4.99 14.27
C ARG A 110 -6.28 -5.29 12.82
N LEU A 111 -6.27 -6.57 12.44
N LEU A 111 -6.23 -6.58 12.48
CA LEU A 111 -5.65 -6.94 11.18
CA LEU A 111 -5.73 -7.00 11.18
C LEU A 111 -6.41 -8.02 10.42
C LEU A 111 -6.64 -7.96 10.47
N THR A 112 -6.82 -7.70 9.18
CA THR A 112 -7.43 -8.65 8.28
C THR A 112 -6.47 -8.76 7.11
N VAL A 113 -5.87 -9.93 6.97
CA VAL A 113 -4.91 -10.22 5.89
C VAL A 113 -5.28 -11.59 5.34
N PRO A 114 -5.40 -11.72 4.02
CA PRO A 114 -5.28 -10.68 2.99
C PRO A 114 -6.24 -9.50 3.18
N HIS A 115 -5.82 -8.33 2.72
CA HIS A 115 -6.63 -7.13 2.82
C HIS A 115 -8.03 -7.44 2.33
N TYR A 116 -9.02 -6.98 3.09
CA TYR A 116 -10.42 -7.40 2.93
C TYR A 116 -11.05 -7.09 1.59
N ASP A 117 -10.52 -6.10 0.86
CA ASP A 117 -11.14 -5.66 -0.38
C ASP A 117 -10.20 -5.61 -1.57
N MET A 118 -8.97 -6.07 -1.41
CA MET A 118 -7.99 -5.95 -2.48
C MET A 118 -8.44 -6.62 -3.79
N LYS A 119 -9.19 -7.72 -3.69
CA LYS A 119 -9.60 -8.44 -4.90
C LYS A 119 -10.61 -7.66 -5.74
N ASN A 120 -11.20 -6.61 -5.15
CA ASN A 120 -12.08 -5.70 -5.88
C ASN A 120 -11.40 -4.45 -6.46
N ARG A 121 -10.11 -4.31 -6.23
CA ARG A 121 -9.43 -3.04 -6.49
C ARG A 121 -8.27 -3.18 -7.46
N GLY A 122 -8.48 -2.76 -8.70
CA GLY A 122 -7.41 -2.79 -9.68
C GLY A 122 -6.22 -1.97 -9.19
N PHE A 123 -6.48 -0.91 -8.43
CA PHE A 123 -5.41 -0.03 -7.96
C PHE A 123 -4.53 -0.69 -6.90
N MET A 124 -5.01 -1.80 -6.34
CA MET A 124 -4.17 -2.63 -5.47
C MET A 124 -3.56 -3.81 -6.24
N LEU A 125 -4.36 -4.46 -7.08
CA LEU A 125 -3.91 -5.66 -7.76
C LEU A 125 -2.86 -5.41 -8.84
N TRP A 126 -3.03 -4.36 -9.62
CA TRP A 126 -2.12 -4.12 -10.74
C TRP A 126 -0.69 -3.81 -10.28
N PRO A 127 -0.50 -2.91 -9.30
CA PRO A 127 0.88 -2.68 -8.86
C PRO A 127 1.48 -3.94 -8.24
N LEU A 128 0.67 -4.71 -7.54
CA LEU A 128 1.14 -5.96 -6.95
C LEU A 128 1.56 -6.95 -8.05
N PHE A 129 0.77 -7.04 -9.11
CA PHE A 129 1.08 -7.94 -10.23
C PHE A 129 2.37 -7.57 -10.94
N GLU A 130 2.65 -6.28 -11.00
CA GLU A 130 3.91 -5.82 -11.57
C GLU A 130 5.10 -6.43 -10.85
N ILE A 131 5.04 -6.45 -9.52
CA ILE A 131 6.18 -6.91 -8.72
C ILE A 131 6.11 -8.36 -8.29
N ALA A 132 4.95 -9.01 -8.47
CA ALA A 132 4.77 -10.39 -8.02
C ALA A 132 3.77 -11.09 -8.93
N PRO A 133 4.13 -11.26 -10.21
CA PRO A 133 3.14 -11.81 -11.16
C PRO A 133 2.71 -13.25 -10.83
N GLU A 134 3.56 -14.01 -10.14
CA GLU A 134 3.28 -15.40 -9.84
C GLU A 134 2.67 -15.62 -8.46
N LEU A 135 2.27 -14.52 -7.82
CA LEU A 135 1.82 -14.56 -6.43
C LEU A 135 0.63 -15.47 -6.25
N VAL A 136 0.69 -16.26 -5.17
CA VAL A 136 -0.41 -17.12 -4.75
C VAL A 136 -0.91 -16.66 -3.38
N PHE A 137 -2.22 -16.56 -3.24
CA PHE A 137 -2.83 -16.19 -1.96
C PHE A 137 -2.84 -17.39 -1.03
N PRO A 138 -3.01 -17.15 0.29
CA PRO A 138 -2.99 -18.26 1.25
C PRO A 138 -3.94 -19.41 0.88
N ASP A 139 -5.11 -19.09 0.34
CA ASP A 139 -6.10 -20.12 0.06
C ASP A 139 -5.91 -20.81 -1.29
N GLY A 140 -4.85 -20.43 -2.01
CA GLY A 140 -4.58 -21.05 -3.28
C GLY A 140 -5.05 -20.29 -4.51
N GLU A 141 -5.79 -19.21 -4.31
CA GLU A 141 -6.13 -18.31 -5.42
C GLU A 141 -4.83 -17.69 -5.95
N MET A 142 -4.73 -17.48 -7.25
N MET A 142 -4.77 -17.39 -7.24
CA MET A 142 -3.56 -16.79 -7.82
CA MET A 142 -3.57 -16.81 -7.83
C MET A 142 -3.91 -15.35 -8.18
C MET A 142 -3.86 -15.38 -8.30
N LEU A 143 -2.95 -14.45 -8.00
CA LEU A 143 -3.14 -13.06 -8.42
C LEU A 143 -3.47 -12.96 -9.92
N ARG A 144 -2.74 -13.71 -10.73
CA ARG A 144 -3.01 -13.74 -12.16
C ARG A 144 -4.46 -14.11 -12.45
N GLN A 145 -4.96 -15.11 -11.72
CA GLN A 145 -6.34 -15.59 -11.86
C GLN A 145 -7.36 -14.49 -11.55
N ILE A 146 -7.14 -13.76 -10.47
CA ILE A 146 -8.08 -12.70 -10.10
C ILE A 146 -8.15 -11.62 -11.19
N LEU A 147 -6.98 -11.19 -11.69
CA LEU A 147 -6.95 -10.19 -12.76
C LEU A 147 -7.58 -10.70 -14.05
N HIS A 148 -7.31 -11.97 -14.38
CA HIS A 148 -7.87 -12.61 -15.56
C HIS A 148 -9.40 -12.69 -15.48
N THR A 149 -9.92 -13.05 -14.32
CA THR A 149 -11.35 -13.21 -14.11
C THR A 149 -12.10 -11.87 -14.16
N ARG A 150 -11.56 -10.84 -13.49
CA ARG A 150 -12.25 -9.56 -13.34
C ARG A 150 -11.98 -8.57 -14.48
N ALA A 151 -10.87 -8.74 -15.19
CA ALA A 151 -10.56 -7.90 -16.35
C ALA A 151 -10.46 -6.40 -16.01
N PHE A 152 -10.04 -6.07 -14.79
CA PHE A 152 -9.80 -4.67 -14.43
C PHE A 152 -8.87 -4.00 -15.43
N ASP A 153 -9.20 -2.77 -15.82
CA ASP A 153 -8.33 -2.03 -16.73
C ASP A 153 -6.96 -1.78 -16.14
N LYS A 154 -5.95 -1.83 -17.00
CA LYS A 154 -4.60 -1.48 -16.59
C LYS A 154 -4.56 -0.02 -16.18
N LEU A 155 -3.64 0.31 -15.30
CA LEU A 155 -3.55 1.66 -14.74
C LEU A 155 -2.54 2.50 -15.49
N ASN A 156 -2.80 3.81 -15.57
CA ASN A 156 -1.81 4.71 -16.11
C ASN A 156 -0.73 4.96 -15.06
N LYS A 157 0.52 5.02 -15.50
CA LYS A 157 1.60 5.39 -14.60
C LYS A 157 1.51 6.88 -14.31
N TRP A 158 1.99 7.25 -13.12
CA TRP A 158 1.97 8.64 -12.69
C TRP A 158 2.70 9.55 -13.66
MG MG B . -5.48 1.95 5.64
MG MG C . -6.79 1.58 2.40
PG APC D . -9.61 0.45 3.36
O1G APC D . -9.35 -0.51 4.50
O2G APC D . -10.97 0.34 2.71
O3G APC D . -8.52 0.42 2.33
PB APC D . -8.52 2.65 4.88
O1B APC D . -7.21 2.03 4.45
O2B APC D . -8.66 4.14 4.76
O3B APC D . -9.65 1.96 4.02
PA APC D . -7.78 2.91 7.73
O1A APC D . -6.45 3.13 7.08
O2A APC D . -8.44 4.10 8.34
C3A APC D . -8.88 2.14 6.56
O5' APC D . -7.49 1.80 8.84
C5' APC D . -8.62 1.40 9.66
C4' APC D . -8.23 0.15 10.41
O4' APC D . -7.94 -0.90 9.48
C3' APC D . -6.98 0.22 11.31
O3' APC D . -7.26 0.71 12.58
C2' APC D . -6.40 -1.18 11.25
O2' APC D . -6.48 -1.80 12.55
C1' APC D . -7.32 -1.90 10.28
N9 APC D . -6.75 -2.91 9.42
C8 APC D . -7.28 -4.16 9.24
N7 APC D . -6.61 -4.86 8.35
C5 APC D . -5.59 -4.00 7.92
C6 APC D . -4.57 -4.20 6.97
N6 APC D . -4.45 -5.34 6.26
N1 APC D . -3.72 -3.17 6.75
C2 APC D . -3.90 -2.05 7.45
N3 APC D . -4.81 -1.75 8.38
C4 APC D . -5.66 -2.78 8.57
C1 PE0 E . -7.86 4.25 -2.37
C4 PE0 E . -6.61 4.07 -3.10
O4 PE0 E . -5.56 3.65 -2.64
N2 PE0 E . -6.73 4.45 -4.44
C3 PE0 E . -7.88 4.95 -5.02
N6 PE0 E . -7.85 5.27 -6.35
N1 PE0 E . -8.99 5.14 -4.36
C2 PE0 E . -8.99 4.78 -3.04
N3 PE0 E . -10.15 4.97 -2.36
C6 PE0 E . -10.16 4.64 -1.08
C5 PE0 E . -9.03 4.10 -0.42
N4 PE0 E . -7.90 3.92 -1.07
C ACT F . -7.08 4.63 -3.46
O ACT F . -6.06 4.50 -2.76
OXT ACT F . -6.90 4.65 -4.70
CH3 ACT F . -8.45 4.76 -2.86
CL CL G . -12.61 -15.64 8.47
#